data_8RLO
#
_entry.id   8RLO
#
_cell.length_a   63.140
_cell.length_b   71.250
_cell.length_c   121.160
_cell.angle_alpha   90.000
_cell.angle_beta   90.000
_cell.angle_gamma   90.000
#
_symmetry.space_group_name_H-M   'P 21 21 21'
#
loop_
_entity.id
_entity.type
_entity.pdbx_description
1 polymer 'Carbonic anhydrase 1'
2 non-polymer 'ZINC ION'
3 non-polymer 'Veralipride, (S)-'
4 water water
#
_entity_poly.entity_id   1
_entity_poly.type   'polypeptide(L)'
_entity_poly.pdbx_seq_one_letter_code
;MASPDWGYDDKNGPEQWSKLYPIANGNNQSPVDIKTSETKHDTSLKPISVSYNPATAKEIINVGHSFHVNFEDNDNRSVL
KGGPFSDSYRLFQFHFHWGSTNEHGSEHTVDGVKYSAELHVAHWNSAKYSSLAEAASKADGLAVIGVLMKVGEANPKLQK
VLDALQAIKTKGKRAPFTNFDPSTLLPSSLDFWTYPGSLTHPPLYESVTWIICKESISVSSEQLAQFRSLLSNVEGDNAV
PMQHNNRPTQPLKGRTVRASF
;
_entity_poly.pdbx_strand_id   AAA,BBB
#
loop_
_chem_comp.id
_chem_comp.type
_chem_comp.name
_chem_comp.formula
A1H1P non-polymer 'Veralipride, (S)-' 'C17 H25 N3 O5 S'
ZN non-polymer 'ZINC ION' 'Zn 2'
#
# COMPACT_ATOMS: atom_id res chain seq x y z
N TRP A 6 10.27 21.83 1.20
CA TRP A 6 8.99 21.79 2.02
C TRP A 6 8.33 20.41 1.88
N GLY A 7 7.58 19.99 2.90
CA GLY A 7 6.86 18.71 2.91
C GLY A 7 5.68 18.77 3.84
N TYR A 8 5.33 17.62 4.37
CA TYR A 8 4.28 17.44 5.40
C TYR A 8 4.93 16.78 6.62
N ASP A 9 6.26 16.59 6.65
CA ASP A 9 7.00 16.12 7.87
C ASP A 9 6.87 17.20 8.94
N ASP A 10 7.22 16.86 10.17
CA ASP A 10 7.27 17.87 11.26
C ASP A 10 8.36 18.91 10.92
N LYS A 11 9.55 18.48 10.45
CA LYS A 11 10.71 19.40 10.22
C LYS A 11 10.46 20.34 9.02
N ASN A 12 9.62 19.96 8.01
CA ASN A 12 9.42 20.76 6.75
C ASN A 12 7.92 21.02 6.42
N GLY A 13 7.05 20.82 7.42
CA GLY A 13 5.58 20.79 7.32
C GLY A 13 4.87 22.12 7.48
N PRO A 14 3.52 22.08 7.43
CA PRO A 14 2.69 23.27 7.54
C PRO A 14 3.15 24.27 8.59
N GLU A 15 3.54 23.80 9.78
CA GLU A 15 3.86 24.72 10.91
C GLU A 15 5.18 25.46 10.66
N GLN A 16 5.97 24.97 9.71
CA GLN A 16 7.32 25.50 9.35
C GLN A 16 7.27 26.33 8.07
N TRP A 17 6.27 26.15 7.19
CA TRP A 17 6.31 26.78 5.84
C TRP A 17 6.56 28.30 5.93
N SER A 18 6.19 29.01 7.00
CA SER A 18 6.24 30.50 7.01
C SER A 18 7.72 31.01 6.98
N LYS A 19 8.67 30.12 7.35
CA LYS A 19 10.11 30.53 7.40
C LYS A 19 10.58 30.81 5.99
N LEU A 20 10.13 30.04 4.98
CA LEU A 20 10.57 30.22 3.57
C LEU A 20 9.49 30.98 2.79
N TYR A 21 8.23 30.85 3.21
CA TYR A 21 7.04 31.49 2.57
C TYR A 21 6.21 32.29 3.56
N PRO A 22 6.66 33.53 3.87
CA PRO A 22 6.04 34.31 4.97
C PRO A 22 4.56 34.60 4.73
N ILE A 23 4.06 34.49 3.46
CA ILE A 23 2.61 34.63 3.14
C ILE A 23 1.79 33.56 3.88
N ALA A 24 2.40 32.48 4.39
CA ALA A 24 1.70 31.40 5.14
C ALA A 24 0.87 32.01 6.26
N ASN A 25 1.28 33.19 6.75
CA ASN A 25 0.57 33.90 7.83
C ASN A 25 -0.20 35.08 7.26
N GLY A 26 -0.56 35.03 5.95
CA GLY A 26 -1.26 36.10 5.22
C GLY A 26 -2.76 36.19 5.58
N ASN A 27 -3.49 37.12 4.97
CA ASN A 27 -4.92 37.39 5.24
C ASN A 27 -5.84 36.57 4.34
N ASN A 28 -5.29 35.86 3.36
CA ASN A 28 -6.14 35.11 2.38
C ASN A 28 -5.63 33.70 2.28
N GLN A 29 -5.35 33.03 3.40
CA GLN A 29 -4.79 31.65 3.36
C GLN A 29 -5.89 30.60 3.34
N SER A 30 -5.58 29.46 2.72
CA SER A 30 -6.51 28.33 2.60
C SER A 30 -5.83 27.08 3.11
N PRO A 31 -6.57 26.06 3.58
CA PRO A 31 -8.03 26.04 3.62
C PRO A 31 -8.61 26.74 4.87
N VAL A 32 -9.93 26.71 4.94
CA VAL A 32 -10.66 27.34 6.07
C VAL A 32 -11.75 26.40 6.55
N ASP A 33 -12.23 26.69 7.74
CA ASP A 33 -13.48 26.13 8.32
C ASP A 33 -14.65 26.98 7.84
N ILE A 34 -15.56 26.39 7.07
CA ILE A 34 -16.79 27.08 6.64
C ILE A 34 -17.80 26.97 7.77
N LYS A 35 -18.10 28.09 8.44
CA LYS A 35 -19.18 28.13 9.46
C LYS A 35 -20.49 28.54 8.78
N THR A 36 -21.46 27.62 8.73
CA THR A 36 -22.69 27.81 7.92
C THR A 36 -23.53 28.95 8.50
N SER A 37 -23.46 29.22 9.81
CA SER A 37 -24.24 30.31 10.45
C SER A 37 -23.67 31.68 10.05
N GLU A 38 -22.41 31.73 9.55
CA GLU A 38 -21.69 32.98 9.18
C GLU A 38 -21.61 33.16 7.64
N THR A 39 -22.05 32.21 6.81
CA THR A 39 -22.03 32.34 5.32
C THR A 39 -23.11 33.34 4.86
N LYS A 40 -22.86 34.10 3.80
CA LYS A 40 -23.88 35.05 3.31
C LYS A 40 -24.34 34.57 1.95
N HIS A 41 -25.66 34.31 1.82
CA HIS A 41 -26.29 33.94 0.54
C HIS A 41 -26.03 35.14 -0.38
N ASP A 42 -25.62 34.89 -1.62
CA ASP A 42 -25.34 35.94 -2.61
C ASP A 42 -26.13 35.62 -3.87
N THR A 43 -27.16 36.42 -4.11
CA THR A 43 -28.19 36.24 -5.16
C THR A 43 -27.57 36.34 -6.57
N SER A 44 -26.45 37.05 -6.69
CA SER A 44 -25.77 37.31 -7.99
C SER A 44 -24.93 36.10 -8.45
N LEU A 45 -24.61 35.14 -7.56
CA LEU A 45 -23.81 33.95 -7.91
C LEU A 45 -24.59 33.11 -8.92
N LYS A 46 -23.96 32.83 -10.06
CA LYS A 46 -24.57 32.02 -11.12
C LYS A 46 -24.24 30.55 -10.84
N PRO A 47 -24.99 29.61 -11.47
CA PRO A 47 -24.62 28.20 -11.41
C PRO A 47 -23.22 28.02 -11.97
N ILE A 48 -22.49 27.07 -11.40
CA ILE A 48 -21.18 26.55 -11.90
C ILE A 48 -21.44 25.81 -13.20
N SER A 49 -20.62 26.09 -14.20
CA SER A 49 -20.71 25.43 -15.53
C SER A 49 -19.35 24.80 -15.78
N VAL A 50 -19.29 23.46 -15.85
CA VAL A 50 -18.05 22.75 -16.25
C VAL A 50 -18.31 22.08 -17.60
N SER A 51 -17.36 22.24 -18.48
CA SER A 51 -17.45 21.56 -19.79
C SER A 51 -16.02 21.08 -20.12
N TYR A 52 -15.72 19.83 -19.82
CA TYR A 52 -14.35 19.27 -19.97
C TYR A 52 -14.33 18.21 -21.06
N ASN A 53 -13.28 18.25 -21.87
CA ASN A 53 -13.09 17.34 -23.01
C ASN A 53 -12.18 16.19 -22.54
N PRO A 54 -12.65 14.92 -22.52
CA PRO A 54 -11.79 13.83 -22.06
C PRO A 54 -10.47 13.72 -22.86
N ALA A 55 -10.41 14.22 -24.09
CA ALA A 55 -9.15 14.17 -24.87
C ALA A 55 -8.07 15.14 -24.30
N THR A 56 -8.40 16.03 -23.37
CA THR A 56 -7.39 16.93 -22.75
C THR A 56 -6.62 16.23 -21.62
N ALA A 57 -7.05 15.07 -21.13
CA ALA A 57 -6.26 14.33 -20.11
C ALA A 57 -4.89 13.95 -20.70
N LYS A 58 -3.82 14.21 -19.94
CA LYS A 58 -2.43 14.06 -20.42
C LYS A 58 -1.64 13.00 -19.65
N GLU A 59 -1.51 13.16 -18.32
CA GLU A 59 -0.48 12.36 -17.62
C GLU A 59 -0.78 12.37 -16.13
N ILE A 60 -0.21 11.39 -15.47
CA ILE A 60 -0.31 11.25 -14.00
C ILE A 60 1.11 11.17 -13.46
N ILE A 61 1.39 11.91 -12.36
CA ILE A 61 2.81 12.11 -11.95
C ILE A 61 2.88 12.00 -10.44
N ASN A 62 3.90 11.31 -9.94
CA ASN A 62 4.19 11.16 -8.50
C ASN A 62 5.16 12.28 -8.16
N VAL A 63 4.68 13.25 -7.38
CA VAL A 63 5.44 14.48 -7.06
C VAL A 63 5.97 14.41 -5.62
N GLY A 64 6.04 13.23 -5.03
CA GLY A 64 6.67 12.99 -3.71
C GLY A 64 5.69 13.18 -2.56
N HIS A 65 5.00 14.32 -2.53
CA HIS A 65 4.03 14.71 -1.49
C HIS A 65 2.62 14.25 -1.88
N SER A 66 2.39 13.97 -3.19
CA SER A 66 1.03 13.74 -3.72
C SER A 66 1.22 13.14 -5.12
N PHE A 67 0.10 12.96 -5.83
CA PHE A 67 0.12 12.69 -7.30
C PHE A 67 -0.81 13.68 -7.99
N HIS A 68 -0.46 14.08 -9.20
CA HIS A 68 -1.23 15.03 -9.99
C HIS A 68 -1.68 14.36 -11.29
N VAL A 69 -2.89 14.66 -11.72
CA VAL A 69 -3.36 14.30 -13.11
C VAL A 69 -3.43 15.62 -13.88
N ASN A 70 -2.57 15.79 -14.87
CA ASN A 70 -2.45 17.01 -15.69
C ASN A 70 -3.20 16.82 -17.00
N PHE A 71 -3.68 17.96 -17.47
CA PHE A 71 -4.47 18.12 -18.70
C PHE A 71 -3.72 19.08 -19.62
N GLU A 72 -3.81 18.79 -20.92
CA GLU A 72 -3.39 19.72 -21.98
C GLU A 72 -4.19 21.00 -21.76
N ASP A 73 -3.46 22.12 -21.68
CA ASP A 73 -4.02 23.46 -21.40
C ASP A 73 -3.53 24.50 -22.41
N ASN A 74 -3.47 24.09 -23.68
CA ASN A 74 -3.03 24.97 -24.78
C ASN A 74 -4.24 25.70 -25.35
N ASP A 75 -5.45 25.29 -25.01
CA ASP A 75 -6.67 25.94 -25.56
C ASP A 75 -7.81 25.74 -24.58
N ASN A 76 -9.00 26.19 -24.99
CA ASN A 76 -10.20 26.25 -24.11
C ASN A 76 -11.12 25.06 -24.40
N ARG A 77 -10.57 23.89 -24.74
CA ARG A 77 -11.37 22.64 -24.82
C ARG A 77 -12.02 22.30 -23.47
N SER A 78 -11.41 22.66 -22.33
CA SER A 78 -11.86 22.19 -20.99
C SER A 78 -11.93 23.40 -20.06
N VAL A 79 -13.15 23.86 -19.74
CA VAL A 79 -13.33 25.19 -19.10
C VAL A 79 -14.36 25.11 -17.99
N LEU A 80 -14.13 25.99 -17.00
CA LEU A 80 -15.06 26.38 -15.94
C LEU A 80 -15.57 27.80 -16.21
N LYS A 81 -16.88 27.99 -16.06
CA LYS A 81 -17.55 29.31 -16.18
C LYS A 81 -18.66 29.41 -15.09
N GLY A 82 -19.28 30.60 -15.01
CA GLY A 82 -20.36 30.91 -14.05
C GLY A 82 -19.87 31.05 -12.62
N GLY A 83 -20.70 30.65 -11.68
CA GLY A 83 -20.40 30.84 -10.24
C GLY A 83 -20.14 32.31 -9.98
N PRO A 84 -18.99 32.68 -9.36
CA PRO A 84 -18.63 34.10 -9.16
C PRO A 84 -17.83 34.74 -10.30
N PHE A 85 -17.52 33.99 -11.35
CA PHE A 85 -16.55 34.40 -12.39
C PHE A 85 -17.25 35.11 -13.55
N SER A 86 -16.56 36.11 -14.11
CA SER A 86 -16.88 36.76 -15.42
C SER A 86 -16.07 36.11 -16.55
N ASP A 87 -14.89 35.61 -16.21
CA ASP A 87 -13.88 35.08 -17.16
C ASP A 87 -14.02 33.55 -17.25
N SER A 88 -13.63 32.95 -18.37
CA SER A 88 -13.50 31.49 -18.54
C SER A 88 -12.21 31.04 -17.83
N TYR A 89 -12.24 29.96 -17.05
CA TYR A 89 -11.04 29.35 -16.45
C TYR A 89 -10.73 27.98 -17.08
N ARG A 90 -9.48 27.82 -17.47
CA ARG A 90 -9.00 26.63 -18.18
C ARG A 90 -8.56 25.53 -17.20
N LEU A 91 -9.13 24.35 -17.32
CA LEU A 91 -8.69 23.15 -16.57
C LEU A 91 -7.24 22.86 -16.87
N PHE A 92 -6.44 22.59 -15.83
CA PHE A 92 -5.08 22.04 -16.05
C PHE A 92 -4.75 20.80 -15.20
N GLN A 93 -5.46 20.54 -14.11
CA GLN A 93 -5.07 19.44 -13.19
C GLN A 93 -6.21 19.07 -12.26
N PHE A 94 -6.20 17.83 -11.77
CA PHE A 94 -6.87 17.50 -10.50
C PHE A 94 -5.94 16.64 -9.68
N HIS A 95 -6.15 16.75 -8.37
CA HIS A 95 -5.40 15.92 -7.40
C HIS A 95 -6.21 15.80 -6.11
N PHE A 96 -5.70 15.04 -5.14
CA PHE A 96 -6.44 14.75 -3.89
C PHE A 96 -5.52 15.16 -2.74
N HIS A 97 -6.16 15.43 -1.60
CA HIS A 97 -5.47 15.41 -0.29
C HIS A 97 -6.11 14.37 0.61
N TRP A 98 -5.32 13.81 1.50
CA TRP A 98 -5.81 12.78 2.43
C TRP A 98 -5.01 12.88 3.75
N GLY A 99 -5.39 12.10 4.73
CA GLY A 99 -4.83 12.14 6.10
C GLY A 99 -4.24 10.83 6.55
N SER A 100 -3.56 10.79 7.70
CA SER A 100 -2.97 9.56 8.28
CA SER A 100 -2.98 9.57 8.31
C SER A 100 -4.10 8.59 8.64
N THR A 101 -5.28 9.11 9.02
CA THR A 101 -6.46 8.34 9.48
C THR A 101 -7.67 8.74 8.65
N ASN A 102 -8.72 7.90 8.59
CA ASN A 102 -10.04 8.25 8.01
C ASN A 102 -10.65 9.48 8.72
N GLU A 103 -10.30 9.71 9.98
CA GLU A 103 -10.96 10.74 10.86
C GLU A 103 -10.66 12.15 10.33
N HIS A 104 -9.54 12.32 9.63
CA HIS A 104 -9.14 13.60 8.99
CA HIS A 104 -9.23 13.62 8.96
C HIS A 104 -8.56 13.27 7.62
N GLY A 105 -8.22 14.26 6.87
CA GLY A 105 -7.73 14.03 5.50
C GLY A 105 -8.15 15.19 4.64
N SER A 106 -9.35 15.71 4.86
CA SER A 106 -9.79 16.89 4.07
C SER A 106 -8.97 18.11 4.48
N GLU A 107 -8.99 19.13 3.64
CA GLU A 107 -8.32 20.43 3.88
C GLU A 107 -9.37 21.37 4.42
N HIS A 108 -10.41 21.64 3.66
CA HIS A 108 -11.56 22.41 4.19
C HIS A 108 -12.29 21.58 5.23
N THR A 109 -12.94 22.27 6.16
CA THR A 109 -13.90 21.65 7.12
C THR A 109 -15.20 22.44 7.08
N VAL A 110 -16.30 21.80 7.46
CA VAL A 110 -17.63 22.47 7.47
C VAL A 110 -18.22 22.39 8.87
N ASP A 111 -18.41 23.53 9.51
CA ASP A 111 -18.83 23.62 10.95
C ASP A 111 -17.98 22.67 11.80
N GLY A 112 -16.66 22.71 11.59
CA GLY A 112 -15.65 21.94 12.33
C GLY A 112 -15.55 20.48 11.96
N VAL A 113 -16.33 19.98 10.99
CA VAL A 113 -16.33 18.53 10.69
C VAL A 113 -15.25 18.26 9.64
N LYS A 114 -14.41 17.26 9.91
CA LYS A 114 -13.25 16.89 9.05
C LYS A 114 -13.68 15.69 8.22
N TYR A 115 -13.49 15.75 6.91
CA TYR A 115 -13.79 14.60 6.04
C TYR A 115 -12.50 13.81 5.84
N SER A 116 -12.58 12.69 5.10
CA SER A 116 -11.49 11.68 4.98
C SER A 116 -10.50 12.06 3.89
N ALA A 117 -10.96 12.86 2.91
CA ALA A 117 -10.13 13.30 1.79
C ALA A 117 -10.80 14.48 1.09
N GLU A 118 -10.08 15.09 0.16
CA GLU A 118 -10.65 16.21 -0.62
C GLU A 118 -10.12 16.16 -2.06
N LEU A 119 -11.02 16.36 -3.02
CA LEU A 119 -10.67 16.51 -4.45
C LEU A 119 -10.55 17.99 -4.82
N HIS A 120 -9.46 18.35 -5.43
CA HIS A 120 -9.20 19.69 -6.00
C HIS A 120 -9.16 19.61 -7.55
N VAL A 121 -10.02 20.35 -8.23
CA VAL A 121 -9.97 20.47 -9.71
C VAL A 121 -9.51 21.90 -10.02
N ALA A 122 -8.32 22.05 -10.56
CA ALA A 122 -7.55 23.32 -10.64
C ALA A 122 -7.63 23.92 -12.04
N HIS A 123 -7.79 25.23 -12.11
CA HIS A 123 -7.99 25.99 -13.37
C HIS A 123 -7.17 27.28 -13.28
N TRP A 124 -6.81 27.85 -14.42
CA TRP A 124 -6.14 29.17 -14.51
C TRP A 124 -6.89 30.07 -15.48
N ASN A 125 -6.80 31.38 -15.23
CA ASN A 125 -7.56 32.41 -15.97
C ASN A 125 -6.93 32.65 -17.36
N SER A 126 -7.44 31.96 -18.37
CA SER A 126 -6.95 32.10 -19.76
C SER A 126 -7.60 33.33 -20.44
N ALA A 127 -8.64 33.93 -19.86
CA ALA A 127 -9.21 35.19 -20.42
C ALA A 127 -8.18 36.30 -20.23
N LYS A 128 -7.49 36.32 -19.08
CA LYS A 128 -6.67 37.50 -18.66
C LYS A 128 -5.18 37.21 -18.89
N TYR A 129 -4.74 35.94 -18.79
CA TYR A 129 -3.29 35.57 -18.78
C TYR A 129 -3.03 34.54 -19.84
N SER A 130 -1.77 34.37 -20.20
CA SER A 130 -1.35 33.55 -21.38
C SER A 130 -0.73 32.24 -20.90
N SER A 131 -0.54 32.05 -19.60
CA SER A 131 0.04 30.76 -19.15
C SER A 131 -0.28 30.56 -17.67
N LEU A 132 -0.31 29.30 -17.25
CA LEU A 132 -0.37 28.95 -15.81
C LEU A 132 0.70 29.78 -15.08
N ALA A 133 1.93 29.80 -15.58
CA ALA A 133 3.04 30.41 -14.81
C ALA A 133 2.71 31.88 -14.57
N GLU A 134 2.14 32.57 -15.53
CA GLU A 134 1.79 34.01 -15.39
C GLU A 134 0.64 34.13 -14.39
N ALA A 135 -0.37 33.28 -14.48
CA ALA A 135 -1.66 33.37 -13.75
C ALA A 135 -1.45 33.08 -12.24
N ALA A 136 -0.49 32.23 -11.91
CA ALA A 136 -0.40 31.52 -10.62
C ALA A 136 -0.25 32.52 -9.48
N SER A 137 0.30 33.70 -9.72
CA SER A 137 0.57 34.69 -8.63
C SER A 137 -0.44 35.85 -8.62
N LYS A 138 -1.42 35.85 -9.51
CA LYS A 138 -2.41 36.94 -9.71
C LYS A 138 -3.65 36.68 -8.82
N ALA A 139 -4.22 37.72 -8.22
CA ALA A 139 -5.36 37.59 -7.31
C ALA A 139 -6.49 36.84 -8.02
N ASP A 140 -6.67 37.10 -9.32
CA ASP A 140 -7.75 36.47 -10.13
C ASP A 140 -7.21 35.36 -11.03
N GLY A 141 -6.02 34.86 -10.76
CA GLY A 141 -5.35 33.90 -11.67
C GLY A 141 -5.89 32.48 -11.65
N LEU A 142 -6.35 31.97 -10.50
CA LEU A 142 -6.63 30.55 -10.27
C LEU A 142 -8.02 30.34 -9.70
N ALA A 143 -8.54 29.16 -9.99
CA ALA A 143 -9.84 28.69 -9.50
C ALA A 143 -9.72 27.20 -9.19
N VAL A 144 -10.25 26.82 -8.05
CA VAL A 144 -10.27 25.41 -7.62
C VAL A 144 -11.69 25.03 -7.18
N ILE A 145 -12.24 23.96 -7.79
CA ILE A 145 -13.44 23.28 -7.24
C ILE A 145 -12.92 22.27 -6.23
N GLY A 146 -13.28 22.44 -4.96
CA GLY A 146 -13.04 21.44 -3.92
C GLY A 146 -14.28 20.63 -3.61
N VAL A 147 -14.09 19.33 -3.50
CA VAL A 147 -15.14 18.36 -3.12
C VAL A 147 -14.67 17.59 -1.88
N LEU A 148 -15.43 17.68 -0.80
CA LEU A 148 -15.19 16.88 0.41
C LEU A 148 -15.52 15.42 0.13
N MET A 149 -14.61 14.55 0.53
CA MET A 149 -14.76 13.09 0.38
C MET A 149 -15.06 12.40 1.72
N LYS A 150 -16.25 11.80 1.80
CA LYS A 150 -16.77 11.16 3.03
C LYS A 150 -16.52 9.65 2.96
N VAL A 151 -15.81 9.08 3.93
CA VAL A 151 -15.54 7.62 3.99
C VAL A 151 -16.88 6.86 4.07
N GLY A 152 -17.02 5.85 3.23
CA GLY A 152 -18.21 4.98 3.16
C GLY A 152 -18.05 3.99 2.02
N GLU A 153 -19.05 3.95 1.14
CA GLU A 153 -19.10 3.08 -0.06
C GLU A 153 -17.93 3.41 -0.99
N ALA A 154 -17.32 2.38 -1.56
CA ALA A 154 -16.35 2.52 -2.66
C ALA A 154 -16.97 3.39 -3.76
N ASN A 155 -16.16 4.24 -4.37
CA ASN A 155 -16.58 5.20 -5.40
C ASN A 155 -16.09 4.64 -6.72
N PRO A 156 -16.95 3.98 -7.52
CA PRO A 156 -16.48 3.43 -8.80
C PRO A 156 -15.89 4.49 -9.76
N LYS A 157 -16.29 5.78 -9.67
CA LYS A 157 -15.78 6.87 -10.56
C LYS A 157 -14.27 7.10 -10.33
N LEU A 158 -13.73 6.73 -9.16
CA LEU A 158 -12.28 6.85 -8.88
C LEU A 158 -11.45 5.76 -9.57
N GLN A 159 -12.07 4.74 -10.20
CA GLN A 159 -11.40 3.48 -10.57
C GLN A 159 -10.25 3.74 -11.55
N LYS A 160 -10.47 4.52 -12.61
CA LYS A 160 -9.42 4.72 -13.65
C LYS A 160 -8.24 5.32 -12.93
N VAL A 161 -8.50 6.23 -12.00
CA VAL A 161 -7.40 6.93 -11.28
C VAL A 161 -6.62 5.93 -10.43
N LEU A 162 -7.32 5.19 -9.57
CA LEU A 162 -6.68 4.23 -8.65
C LEU A 162 -5.91 3.19 -9.46
N ASP A 163 -6.48 2.68 -10.57
CA ASP A 163 -5.82 1.65 -11.44
C ASP A 163 -4.46 2.19 -11.90
N ALA A 164 -4.33 3.52 -12.11
CA ALA A 164 -3.13 4.15 -12.72
C ALA A 164 -1.96 4.21 -11.72
N LEU A 165 -2.21 4.15 -10.41
CA LEU A 165 -1.17 4.46 -9.40
C LEU A 165 -0.07 3.41 -9.41
N GLN A 166 -0.38 2.16 -9.80
CA GLN A 166 0.61 1.03 -9.90
C GLN A 166 1.76 1.40 -10.87
N ALA A 167 1.56 2.34 -11.81
CA ALA A 167 2.60 2.77 -12.80
C ALA A 167 3.44 3.96 -12.29
N ILE A 168 3.04 4.62 -11.19
CA ILE A 168 3.76 5.82 -10.66
C ILE A 168 3.99 5.65 -9.16
N LYS A 169 4.44 4.46 -8.76
CA LYS A 169 4.54 4.08 -7.32
C LYS A 169 5.50 4.99 -6.57
N THR A 170 6.59 5.43 -7.17
CA THR A 170 7.69 6.16 -6.49
C THR A 170 7.85 7.57 -7.09
N LYS A 171 8.45 8.46 -6.30
CA LYS A 171 8.68 9.87 -6.66
C LYS A 171 9.40 10.03 -8.01
N GLY A 172 8.88 10.90 -8.88
CA GLY A 172 9.48 11.13 -10.20
C GLY A 172 8.84 10.27 -11.27
N LYS A 173 8.12 9.23 -10.89
CA LYS A 173 7.50 8.37 -11.92
C LYS A 173 6.34 9.14 -12.53
N ARG A 174 6.25 9.10 -13.86
CA ARG A 174 5.15 9.74 -14.61
C ARG A 174 4.73 8.79 -15.74
N ALA A 175 3.45 8.85 -16.07
CA ALA A 175 2.84 7.95 -17.07
C ALA A 175 1.75 8.70 -17.80
N PRO A 176 1.46 8.30 -19.06
CA PRO A 176 0.32 8.86 -19.77
C PRO A 176 -0.98 8.53 -19.02
N PHE A 177 -1.98 9.42 -19.15
CA PHE A 177 -3.29 9.25 -18.49
C PHE A 177 -4.30 9.95 -19.39
N THR A 178 -5.01 9.16 -20.21
CA THR A 178 -5.73 9.75 -21.35
C THR A 178 -7.23 9.42 -21.26
N ASN A 179 -8.03 10.21 -21.96
CA ASN A 179 -9.45 9.92 -22.21
C ASN A 179 -10.18 9.91 -20.87
N PHE A 180 -10.14 11.03 -20.14
CA PHE A 180 -10.83 11.12 -18.85
C PHE A 180 -11.40 12.53 -18.67
N ASP A 181 -12.67 12.55 -18.32
CA ASP A 181 -13.45 13.78 -18.00
C ASP A 181 -13.65 13.86 -16.49
N PRO A 182 -12.93 14.73 -15.79
CA PRO A 182 -13.02 14.72 -14.33
C PRO A 182 -14.29 15.39 -13.79
N SER A 183 -15.17 15.95 -14.62
CA SER A 183 -16.54 16.32 -14.15
C SER A 183 -17.30 15.08 -13.65
N THR A 184 -16.92 13.87 -14.08
CA THR A 184 -17.53 12.58 -13.64
C THR A 184 -17.34 12.35 -12.14
N LEU A 185 -16.34 13.04 -11.56
CA LEU A 185 -16.00 12.92 -10.12
C LEU A 185 -16.81 13.88 -9.25
N LEU A 186 -17.40 14.91 -9.82
CA LEU A 186 -18.15 15.92 -9.03
C LEU A 186 -19.49 15.38 -8.57
N PRO A 187 -20.04 15.95 -7.50
CA PRO A 187 -21.33 15.51 -6.99
C PRO A 187 -22.47 15.96 -7.90
N SER A 188 -23.64 15.34 -7.72
CA SER A 188 -24.81 15.60 -8.61
C SER A 188 -25.29 17.05 -8.41
N SER A 189 -25.26 17.56 -7.17
CA SER A 189 -25.52 19.00 -6.87
C SER A 189 -24.21 19.76 -6.91
N LEU A 190 -24.21 20.91 -7.61
CA LEU A 190 -23.07 21.88 -7.67
C LEU A 190 -23.41 23.16 -6.90
N ASP A 191 -24.38 23.09 -5.95
CA ASP A 191 -24.52 24.12 -4.88
C ASP A 191 -23.16 24.26 -4.24
N PHE A 192 -22.74 25.49 -3.91
CA PHE A 192 -21.34 25.73 -3.52
C PHE A 192 -21.19 26.91 -2.56
N TRP A 193 -20.09 26.90 -1.80
CA TRP A 193 -19.52 28.07 -1.12
C TRP A 193 -18.38 28.65 -1.96
N THR A 194 -18.17 29.97 -1.88
CA THR A 194 -16.98 30.58 -2.51
C THR A 194 -16.34 31.60 -1.57
N TYR A 195 -15.03 31.64 -1.59
CA TYR A 195 -14.26 32.67 -0.85
C TYR A 195 -12.93 32.86 -1.53
N PRO A 196 -12.32 34.05 -1.33
CA PRO A 196 -10.99 34.37 -1.83
C PRO A 196 -9.90 33.77 -0.94
N GLY A 197 -8.96 33.06 -1.52
CA GLY A 197 -8.02 32.21 -0.79
C GLY A 197 -6.74 31.98 -1.56
N SER A 198 -6.08 30.87 -1.25
CA SER A 198 -4.66 30.62 -1.61
C SER A 198 -4.47 29.19 -2.08
N LEU A 199 -3.29 28.92 -2.66
CA LEU A 199 -2.75 27.54 -2.75
C LEU A 199 -2.61 27.00 -1.34
N THR A 200 -2.95 25.75 -1.12
CA THR A 200 -2.91 25.12 0.24
C THR A 200 -1.52 24.55 0.57
N HIS A 201 -0.55 24.72 -0.30
CA HIS A 201 0.85 24.33 -0.06
C HIS A 201 1.75 25.32 -0.79
N PRO A 202 3.04 25.38 -0.40
CA PRO A 202 3.97 26.28 -1.07
C PRO A 202 3.84 26.24 -2.57
N PRO A 203 3.94 27.41 -3.22
CA PRO A 203 4.31 28.69 -2.60
C PRO A 203 3.20 29.54 -1.98
N LEU A 204 2.01 28.95 -1.79
CA LEU A 204 0.91 29.52 -0.96
C LEU A 204 0.42 30.88 -1.49
N TYR A 205 0.57 31.15 -2.78
CA TYR A 205 0.09 32.39 -3.43
C TYR A 205 -1.41 32.61 -3.15
N GLU A 206 -1.78 33.87 -2.93
CA GLU A 206 -3.17 34.29 -2.61
C GLU A 206 -3.88 34.61 -3.95
N SER A 207 -4.02 33.55 -4.76
CA SER A 207 -4.37 33.64 -6.20
C SER A 207 -5.60 32.78 -6.49
N VAL A 208 -6.21 32.18 -5.48
CA VAL A 208 -7.27 31.15 -5.66
C VAL A 208 -8.65 31.69 -5.27
N THR A 209 -9.57 31.73 -6.23
CA THR A 209 -11.02 31.74 -5.98
C THR A 209 -11.48 30.30 -5.72
N TRP A 210 -11.86 30.00 -4.50
CA TRP A 210 -12.30 28.65 -4.07
C TRP A 210 -13.79 28.48 -4.31
N ILE A 211 -14.14 27.32 -4.84
CA ILE A 211 -15.53 26.82 -5.01
C ILE A 211 -15.64 25.49 -4.23
N ILE A 212 -16.34 25.48 -3.08
CA ILE A 212 -16.45 24.25 -2.25
C ILE A 212 -17.86 23.73 -2.42
N CYS A 213 -17.98 22.49 -2.88
CA CYS A 213 -19.29 21.85 -3.08
C CYS A 213 -19.94 21.57 -1.71
N LYS A 214 -21.23 21.85 -1.61
CA LYS A 214 -22.06 21.49 -0.42
C LYS A 214 -22.12 19.96 -0.25
N GLU A 215 -22.33 19.24 -1.36
CA GLU A 215 -22.52 17.78 -1.38
C GLU A 215 -21.13 17.13 -1.39
N SER A 216 -20.99 16.10 -0.58
CA SER A 216 -19.75 15.30 -0.52
C SER A 216 -19.83 14.23 -1.63
N ILE A 217 -18.71 13.57 -1.87
CA ILE A 217 -18.71 12.30 -2.65
C ILE A 217 -18.15 11.20 -1.75
N SER A 218 -18.41 9.94 -2.07
CA SER A 218 -17.96 8.79 -1.25
C SER A 218 -16.53 8.41 -1.65
N VAL A 219 -15.95 7.64 -0.76
CA VAL A 219 -14.64 6.97 -0.92
C VAL A 219 -14.62 5.85 0.13
N SER A 220 -14.13 4.66 -0.21
CA SER A 220 -13.97 3.56 0.78
C SER A 220 -12.65 3.73 1.55
N SER A 221 -12.60 3.17 2.76
CA SER A 221 -11.37 3.09 3.60
C SER A 221 -10.22 2.41 2.82
N GLU A 222 -10.51 1.44 1.96
CA GLU A 222 -9.52 0.72 1.12
C GLU A 222 -9.08 1.64 -0.03
N GLN A 223 -10.01 2.40 -0.65
CA GLN A 223 -9.61 3.38 -1.70
C GLN A 223 -8.59 4.36 -1.09
N LEU A 224 -8.86 4.88 0.10
CA LEU A 224 -7.91 5.78 0.83
C LEU A 224 -6.57 5.05 1.07
N ALA A 225 -6.62 3.75 1.41
CA ALA A 225 -5.40 2.96 1.62
C ALA A 225 -4.55 2.97 0.34
N GLN A 226 -5.16 2.93 -0.85
CA GLN A 226 -4.45 2.97 -2.16
C GLN A 226 -3.65 4.28 -2.23
N PHE A 227 -4.26 5.44 -1.95
CA PHE A 227 -3.51 6.74 -1.90
C PHE A 227 -2.32 6.63 -0.92
N ARG A 228 -2.54 6.13 0.30
CA ARG A 228 -1.44 6.10 1.33
C ARG A 228 -0.37 5.07 0.95
N SER A 229 -0.63 4.17 0.00
CA SER A 229 0.34 3.14 -0.43
C SER A 229 1.28 3.73 -1.50
N LEU A 230 0.96 4.91 -2.06
CA LEU A 230 1.95 5.64 -2.90
C LEU A 230 3.20 5.94 -2.06
N LEU A 231 4.35 5.96 -2.71
CA LEU A 231 5.65 6.13 -2.03
C LEU A 231 6.24 7.49 -2.38
N SER A 232 6.74 8.16 -1.34
CA SER A 232 7.36 9.51 -1.41
C SER A 232 8.85 9.40 -1.81
N ASN A 233 9.46 8.22 -1.63
CA ASN A 233 10.91 7.96 -1.94
C ASN A 233 11.09 7.66 -3.43
N VAL A 234 12.31 7.77 -3.96
CA VAL A 234 12.64 7.36 -5.36
C VAL A 234 12.87 5.85 -5.37
N GLU A 235 12.62 5.25 -6.52
CA GLU A 235 12.81 3.81 -6.80
C GLU A 235 14.18 3.40 -6.25
N GLY A 236 14.23 2.30 -5.50
CA GLY A 236 15.48 1.70 -5.03
C GLY A 236 15.78 2.09 -3.60
N ASP A 237 15.19 3.17 -3.11
CA ASP A 237 15.38 3.61 -1.70
C ASP A 237 14.36 2.89 -0.81
N ASN A 238 14.55 3.04 0.51
CA ASN A 238 13.61 2.50 1.52
C ASN A 238 12.26 3.19 1.37
N ALA A 239 11.22 2.38 1.47
CA ALA A 239 9.81 2.76 1.25
C ALA A 239 9.41 3.80 2.31
N VAL A 240 8.85 4.92 1.87
CA VAL A 240 8.25 5.97 2.75
C VAL A 240 6.85 6.24 2.19
N PRO A 241 5.82 5.56 2.75
CA PRO A 241 4.46 5.78 2.31
C PRO A 241 4.10 7.26 2.50
N MET A 242 3.28 7.71 1.56
CA MET A 242 2.67 9.05 1.45
C MET A 242 1.43 9.07 2.37
N GLN A 243 1.65 9.14 3.67
CA GLN A 243 0.59 8.94 4.71
C GLN A 243 -0.39 10.13 4.77
N HIS A 244 0.05 11.37 4.61
CA HIS A 244 -0.86 12.55 4.66
C HIS A 244 -0.30 13.76 3.88
N ASN A 245 -1.17 14.68 3.48
CA ASN A 245 -0.77 15.89 2.70
C ASN A 245 -1.87 16.98 2.83
N ASN A 246 -2.59 16.98 3.96
CA ASN A 246 -3.64 17.99 4.27
C ASN A 246 -3.09 19.08 5.18
N ARG A 247 -3.36 20.33 4.77
CA ARG A 247 -2.99 21.50 5.58
C ARG A 247 -4.11 21.76 6.56
N PRO A 248 -3.76 22.15 7.82
CA PRO A 248 -4.79 22.62 8.74
C PRO A 248 -5.50 23.87 8.28
N THR A 249 -6.71 24.09 8.76
CA THR A 249 -7.48 25.30 8.43
C THR A 249 -6.81 26.54 9.05
N GLN A 250 -7.00 27.66 8.34
CA GLN A 250 -6.34 28.96 8.50
C GLN A 250 -7.40 30.00 8.87
N PRO A 251 -7.02 31.05 9.62
CA PRO A 251 -7.97 32.10 9.97
C PRO A 251 -8.62 32.85 8.80
N LEU A 252 -9.94 33.06 8.88
CA LEU A 252 -10.71 33.86 7.91
C LEU A 252 -10.18 35.31 7.82
N LYS A 253 -9.77 35.91 8.94
CA LYS A 253 -9.21 37.28 8.94
C LYS A 253 -10.20 38.18 8.20
N GLY A 254 -11.49 38.01 8.45
CA GLY A 254 -12.49 38.98 8.01
C GLY A 254 -13.07 38.66 6.65
N ARG A 255 -12.52 37.68 5.91
CA ARG A 255 -13.15 37.29 4.63
C ARG A 255 -14.57 36.79 4.88
N THR A 256 -15.40 36.92 3.86
CA THR A 256 -16.82 36.46 3.84
C THR A 256 -16.87 35.21 2.97
N VAL A 257 -17.37 34.11 3.52
CA VAL A 257 -17.75 32.91 2.71
C VAL A 257 -19.17 33.10 2.19
N ARG A 258 -19.33 33.11 0.86
CA ARG A 258 -20.66 33.29 0.24
C ARG A 258 -21.22 31.91 -0.16
N ALA A 259 -22.54 31.78 -0.10
CA ALA A 259 -23.27 30.52 -0.41
C ALA A 259 -24.13 30.79 -1.63
N SER A 260 -24.14 29.85 -2.56
CA SER A 260 -24.94 29.93 -3.79
C SER A 260 -26.38 29.52 -3.50
N PHE A 261 -26.66 29.08 -2.29
CA PHE A 261 -27.88 28.33 -1.88
C PHE A 261 -28.31 28.77 -0.46
N ASP B 5 -6.12 -12.74 18.44
CA ASP B 5 -5.69 -13.69 19.50
C ASP B 5 -4.16 -13.64 19.52
N TRP B 6 -3.50 -13.67 18.38
CA TRP B 6 -2.03 -13.54 18.27
C TRP B 6 -1.72 -12.74 17.00
N GLY B 7 -0.63 -11.99 17.02
CA GLY B 7 -0.11 -11.27 15.84
C GLY B 7 1.39 -11.03 15.97
N TYR B 8 1.86 -9.90 15.46
CA TYR B 8 3.28 -9.52 15.49
C TYR B 8 3.44 -8.18 16.20
N ASP B 9 2.41 -7.64 16.86
CA ASP B 9 2.51 -6.35 17.63
C ASP B 9 3.18 -6.59 18.98
N ASP B 10 3.39 -5.55 19.79
CA ASP B 10 3.97 -5.74 21.15
C ASP B 10 2.95 -6.34 22.12
N LYS B 11 1.65 -6.21 21.84
CA LYS B 11 0.56 -6.73 22.71
C LYS B 11 0.37 -8.24 22.46
N ASN B 12 0.55 -8.73 21.22
CA ASN B 12 0.14 -10.09 20.82
C ASN B 12 1.24 -10.81 20.03
N GLY B 13 2.44 -10.21 19.98
CA GLY B 13 3.58 -10.61 19.13
C GLY B 13 4.40 -11.74 19.74
N PRO B 14 5.47 -12.14 19.03
CA PRO B 14 6.30 -13.32 19.36
C PRO B 14 6.67 -13.45 20.84
N GLU B 15 6.98 -12.33 21.50
CA GLU B 15 7.40 -12.35 22.94
C GLU B 15 6.24 -12.73 23.86
N GLN B 16 4.99 -12.57 23.41
CA GLN B 16 3.76 -12.92 24.19
C GLN B 16 3.21 -14.31 23.82
N TRP B 17 3.55 -14.90 22.64
CA TRP B 17 2.93 -16.18 22.20
C TRP B 17 2.87 -17.27 23.29
N SER B 18 3.83 -17.37 24.20
CA SER B 18 3.96 -18.55 25.14
C SER B 18 2.80 -18.67 26.20
N LYS B 19 1.96 -17.53 26.25
CA LYS B 19 0.83 -17.47 27.22
C LYS B 19 -0.30 -18.36 26.66
N LEU B 20 -0.58 -18.27 25.36
CA LEU B 20 -1.66 -19.06 24.69
C LEU B 20 -1.09 -20.36 24.08
N TYR B 21 0.19 -20.36 23.73
CA TYR B 21 0.87 -21.49 23.03
C TYR B 21 2.15 -21.82 23.76
N PRO B 22 2.07 -22.50 24.92
CA PRO B 22 3.27 -22.79 25.73
C PRO B 22 4.40 -23.50 24.98
N ILE B 23 4.09 -24.20 23.87
CA ILE B 23 5.14 -24.86 23.02
C ILE B 23 6.14 -23.83 22.47
N ALA B 24 5.82 -22.54 22.49
CA ALA B 24 6.69 -21.44 22.02
C ALA B 24 8.06 -21.53 22.69
N ASN B 25 8.10 -22.00 23.95
CA ASN B 25 9.37 -22.15 24.66
C ASN B 25 9.90 -23.58 24.53
N GLY B 26 9.50 -24.37 23.51
CA GLY B 26 9.94 -25.76 23.39
C GLY B 26 11.36 -25.93 22.87
N ASN B 27 11.77 -27.18 22.69
CA ASN B 27 13.15 -27.59 22.35
C ASN B 27 13.38 -27.71 20.83
N ASN B 28 12.34 -27.54 20.00
CA ASN B 28 12.45 -27.68 18.52
C ASN B 28 11.78 -26.49 17.87
N GLN B 29 12.06 -25.28 18.30
CA GLN B 29 11.35 -24.08 17.77
C GLN B 29 12.10 -23.47 16.59
N SER B 30 11.32 -22.92 15.63
CA SER B 30 11.88 -22.20 14.47
C SER B 30 11.40 -20.77 14.42
N PRO B 31 12.05 -19.87 13.65
CA PRO B 31 13.26 -20.20 12.89
C PRO B 31 14.52 -20.26 13.80
N VAL B 32 15.66 -20.60 13.22
CA VAL B 32 16.97 -20.65 13.94
C VAL B 32 18.01 -19.87 13.14
N ASP B 33 19.08 -19.46 13.82
CA ASP B 33 20.33 -19.03 13.13
C ASP B 33 21.12 -20.27 12.66
N ILE B 34 21.55 -20.30 11.40
CA ILE B 34 22.50 -21.34 10.92
C ILE B 34 23.93 -20.81 11.00
N LYS B 35 24.70 -21.31 11.98
CA LYS B 35 26.16 -21.01 12.05
C LYS B 35 26.88 -22.03 11.20
N THR B 36 27.46 -21.59 10.08
CA THR B 36 28.03 -22.50 9.05
C THR B 36 29.28 -23.19 9.59
N SER B 37 29.97 -22.61 10.58
CA SER B 37 31.13 -23.32 11.20
C SER B 37 30.66 -24.56 11.98
N GLU B 38 29.39 -24.61 12.40
CA GLU B 38 28.88 -25.71 13.28
C GLU B 38 28.04 -26.71 12.46
N THR B 39 27.82 -26.45 11.17
CA THR B 39 27.01 -27.37 10.35
C THR B 39 27.84 -28.63 10.13
N LYS B 40 27.14 -29.78 10.07
CA LYS B 40 27.74 -31.11 9.87
C LYS B 40 27.31 -31.61 8.47
N HIS B 41 28.26 -32.03 7.62
CA HIS B 41 27.89 -32.73 6.37
C HIS B 41 27.42 -34.14 6.69
N ASP B 42 26.26 -34.48 6.14
CA ASP B 42 25.64 -35.80 6.34
C ASP B 42 25.56 -36.48 4.97
N THR B 43 26.32 -37.54 4.77
CA THR B 43 26.39 -38.27 3.46
C THR B 43 25.08 -38.95 3.12
N SER B 44 24.16 -39.10 4.07
CA SER B 44 22.86 -39.79 3.80
C SER B 44 21.89 -38.84 3.14
N LEU B 45 22.20 -37.54 3.09
CA LEU B 45 21.23 -36.53 2.52
C LEU B 45 21.29 -36.58 1.01
N LYS B 46 20.20 -37.05 0.40
CA LYS B 46 20.07 -37.08 -1.08
C LYS B 46 19.76 -35.68 -1.61
N PRO B 47 19.89 -35.43 -2.94
CA PRO B 47 19.42 -34.18 -3.51
C PRO B 47 17.92 -34.07 -3.29
N ILE B 48 17.42 -32.84 -3.13
CA ILE B 48 15.94 -32.67 -3.08
C ILE B 48 15.42 -32.68 -4.53
N SER B 49 14.26 -33.26 -4.71
CA SER B 49 13.56 -33.41 -6.01
C SER B 49 12.17 -32.77 -5.84
N VAL B 50 11.91 -31.65 -6.54
CA VAL B 50 10.54 -31.07 -6.52
C VAL B 50 9.94 -31.28 -7.93
N SER B 51 8.68 -31.65 -7.94
CA SER B 51 7.91 -31.76 -9.21
C SER B 51 6.49 -31.32 -8.93
N TYR B 52 6.20 -30.09 -9.29
CA TYR B 52 4.90 -29.45 -9.07
C TYR B 52 4.15 -29.33 -10.40
N ASN B 53 2.86 -29.59 -10.31
CA ASN B 53 1.92 -29.56 -11.46
C ASN B 53 1.25 -28.20 -11.33
N PRO B 54 1.45 -27.27 -12.27
CA PRO B 54 0.86 -25.93 -12.16
C PRO B 54 -0.69 -25.96 -12.04
N ALA B 55 -1.36 -27.01 -12.52
CA ALA B 55 -2.83 -27.13 -12.45
C ALA B 55 -3.31 -27.42 -11.01
N THR B 56 -2.37 -27.59 -10.06
CA THR B 56 -2.75 -27.71 -8.63
C THR B 56 -2.89 -26.35 -7.97
N ALA B 57 -2.38 -25.28 -8.56
CA ALA B 57 -2.63 -23.92 -8.02
C ALA B 57 -4.13 -23.68 -7.81
N LYS B 58 -4.55 -23.21 -6.64
CA LYS B 58 -6.02 -23.08 -6.36
C LYS B 58 -6.45 -21.65 -5.99
N GLU B 59 -5.89 -21.05 -4.89
CA GLU B 59 -6.54 -19.88 -4.25
C GLU B 59 -5.47 -19.04 -3.54
N ILE B 60 -5.68 -17.74 -3.51
CA ILE B 60 -4.82 -16.81 -2.74
C ILE B 60 -5.72 -16.15 -1.71
N ILE B 61 -5.23 -16.02 -0.46
CA ILE B 61 -6.12 -15.70 0.69
C ILE B 61 -5.36 -14.72 1.58
N ASN B 62 -6.01 -13.65 1.98
CA ASN B 62 -5.47 -12.73 3.03
C ASN B 62 -5.86 -13.32 4.39
N VAL B 63 -4.86 -13.73 5.16
CA VAL B 63 -5.09 -14.38 6.49
C VAL B 63 -4.77 -13.38 7.59
N GLY B 64 -4.76 -12.08 7.30
CA GLY B 64 -4.70 -11.09 8.40
C GLY B 64 -3.28 -10.71 8.71
N HIS B 65 -2.43 -11.67 9.06
CA HIS B 65 -0.98 -11.48 9.35
C HIS B 65 -0.13 -11.72 8.10
N SER B 66 -0.73 -12.30 7.02
CA SER B 66 0.07 -12.68 5.84
C SER B 66 -0.90 -12.94 4.68
N PHE B 67 -0.36 -13.47 3.59
CA PHE B 67 -1.22 -14.04 2.53
C PHE B 67 -0.65 -15.41 2.17
N HIS B 68 -1.55 -16.34 1.87
CA HIS B 68 -1.21 -17.73 1.51
C HIS B 68 -1.66 -17.98 0.08
N VAL B 69 -0.85 -18.72 -0.68
CA VAL B 69 -1.25 -19.29 -2.02
C VAL B 69 -1.40 -20.81 -1.82
N ASN B 70 -2.66 -21.31 -1.88
CA ASN B 70 -3.01 -22.67 -1.52
C ASN B 70 -3.16 -23.50 -2.80
N PHE B 71 -2.81 -24.77 -2.64
CA PHE B 71 -2.79 -25.74 -3.76
C PHE B 71 -3.78 -26.85 -3.48
N GLU B 72 -4.47 -27.36 -4.55
CA GLU B 72 -5.24 -28.60 -4.40
C GLU B 72 -4.32 -29.67 -3.84
N ASP B 73 -4.73 -30.38 -2.78
CA ASP B 73 -3.88 -31.41 -2.12
C ASP B 73 -4.65 -32.71 -1.90
N ASN B 74 -5.48 -33.06 -2.89
CA ASN B 74 -6.29 -34.30 -2.91
C ASN B 74 -5.42 -35.47 -3.43
N ASP B 75 -4.34 -35.18 -4.13
CA ASP B 75 -3.45 -36.26 -4.62
C ASP B 75 -2.00 -35.81 -4.72
N ASN B 76 -1.18 -36.67 -5.32
CA ASN B 76 0.29 -36.47 -5.37
C ASN B 76 0.73 -35.91 -6.71
N ARG B 77 -0.09 -35.04 -7.29
CA ARG B 77 0.36 -34.32 -8.52
C ARG B 77 1.62 -33.49 -8.22
N SER B 78 1.75 -32.96 -7.00
CA SER B 78 2.77 -31.92 -6.70
C SER B 78 3.50 -32.39 -5.43
N VAL B 79 4.76 -32.80 -5.55
CA VAL B 79 5.48 -33.55 -4.48
C VAL B 79 6.93 -33.15 -4.36
N LEU B 80 7.36 -33.18 -3.10
CA LEU B 80 8.77 -33.04 -2.70
C LEU B 80 9.28 -34.43 -2.29
N LYS B 81 10.46 -34.82 -2.74
CA LYS B 81 11.09 -36.08 -2.30
C LYS B 81 12.60 -35.84 -2.16
N GLY B 82 13.29 -36.84 -1.60
CA GLY B 82 14.75 -36.87 -1.48
C GLY B 82 15.18 -36.07 -0.27
N GLY B 83 16.31 -35.42 -0.35
CA GLY B 83 16.93 -34.81 0.87
C GLY B 83 16.86 -35.75 2.07
N PRO B 84 16.35 -35.33 3.24
CA PRO B 84 16.36 -36.18 4.43
C PRO B 84 15.22 -37.21 4.43
N PHE B 85 14.33 -37.20 3.43
CA PHE B 85 13.01 -37.89 3.46
C PHE B 85 13.10 -39.27 2.80
N SER B 86 12.45 -40.28 3.40
CA SER B 86 12.08 -41.58 2.75
C SER B 86 10.70 -41.46 2.10
N ASP B 87 9.81 -40.63 2.66
CA ASP B 87 8.38 -40.46 2.24
C ASP B 87 8.30 -39.34 1.18
N SER B 88 7.32 -39.36 0.28
CA SER B 88 6.98 -38.17 -0.55
C SER B 88 6.15 -37.22 0.33
N TYR B 89 6.36 -35.92 0.18
CA TYR B 89 5.53 -34.86 0.82
C TYR B 89 4.76 -34.11 -0.25
N ARG B 90 3.51 -33.79 0.08
CA ARG B 90 2.53 -33.20 -0.87
C ARG B 90 2.49 -31.67 -0.73
N LEU B 91 2.79 -30.94 -1.78
CA LEU B 91 2.61 -29.48 -1.89
C LEU B 91 1.21 -29.05 -1.47
N PHE B 92 1.12 -28.08 -0.49
CA PHE B 92 -0.22 -27.48 -0.19
C PHE B 92 -0.28 -25.96 -0.26
N GLN B 93 0.86 -25.26 -0.07
CA GLN B 93 0.88 -23.79 0.09
C GLN B 93 2.28 -23.25 -0.11
N PHE B 94 2.35 -22.01 -0.54
CA PHE B 94 3.56 -21.16 -0.32
C PHE B 94 3.11 -19.78 0.13
N HIS B 95 4.00 -19.15 0.95
CA HIS B 95 3.79 -17.78 1.43
C HIS B 95 5.18 -17.18 1.71
N PHE B 96 5.14 -15.92 2.17
CA PHE B 96 6.35 -15.13 2.41
C PHE B 96 6.28 -14.62 3.85
N HIS B 97 7.44 -14.32 4.36
CA HIS B 97 7.61 -13.39 5.51
C HIS B 97 8.41 -12.18 5.09
N TRP B 98 8.16 -11.06 5.78
CA TRP B 98 8.90 -9.82 5.52
C TRP B 98 8.95 -9.03 6.82
N GLY B 99 9.68 -7.93 6.80
CA GLY B 99 9.94 -7.09 7.98
C GLY B 99 9.56 -5.63 7.70
N SER B 100 9.57 -4.77 8.72
CA SER B 100 9.08 -3.38 8.58
C SER B 100 10.05 -2.57 7.71
N THR B 101 11.32 -3.03 7.60
CA THR B 101 12.41 -2.45 6.77
C THR B 101 13.01 -3.53 5.83
N ASN B 102 13.72 -3.11 4.78
CA ASN B 102 14.41 -4.07 3.87
C ASN B 102 15.64 -4.71 4.56
N GLU B 103 16.04 -4.24 5.74
CA GLU B 103 17.29 -4.70 6.43
C GLU B 103 17.05 -5.96 7.30
N HIS B 104 15.81 -6.30 7.58
CA HIS B 104 15.47 -7.36 8.57
C HIS B 104 14.06 -7.87 8.27
N GLY B 105 13.89 -8.81 7.35
CA GLY B 105 12.56 -9.37 7.10
C GLY B 105 12.54 -10.90 7.00
N SER B 106 13.70 -11.57 6.87
CA SER B 106 13.75 -13.04 6.87
C SER B 106 13.43 -13.58 8.27
N GLU B 107 13.19 -14.87 8.32
CA GLU B 107 13.00 -15.62 9.57
C GLU B 107 14.31 -16.28 9.92
N HIS B 108 14.78 -17.21 9.14
CA HIS B 108 16.11 -17.83 9.32
C HIS B 108 17.20 -16.80 9.07
N THR B 109 18.32 -16.92 9.77
CA THR B 109 19.54 -16.12 9.51
C THR B 109 20.68 -17.10 9.25
N VAL B 110 21.74 -16.64 8.60
CA VAL B 110 22.99 -17.42 8.28
C VAL B 110 24.16 -16.62 8.85
N ASP B 111 24.86 -17.22 9.78
CA ASP B 111 25.93 -16.53 10.55
C ASP B 111 25.48 -15.13 10.99
N GLY B 112 24.27 -15.02 11.50
CA GLY B 112 23.74 -13.78 12.09
C GLY B 112 23.25 -12.79 11.05
N VAL B 113 23.36 -13.07 9.75
CA VAL B 113 22.94 -12.11 8.69
C VAL B 113 21.45 -12.29 8.43
N LYS B 114 20.69 -11.22 8.61
CA LYS B 114 19.25 -11.21 8.31
C LYS B 114 19.12 -10.76 6.86
N TYR B 115 18.20 -11.43 6.13
CA TYR B 115 17.88 -11.10 4.73
C TYR B 115 16.60 -10.27 4.74
N SER B 116 16.19 -9.81 3.56
CA SER B 116 15.05 -8.86 3.43
C SER B 116 13.70 -9.59 3.57
N ALA B 117 13.61 -10.86 3.21
CA ALA B 117 12.33 -11.58 3.25
C ALA B 117 12.64 -13.06 3.16
N GLU B 118 11.63 -13.91 3.25
CA GLU B 118 11.79 -15.40 3.13
C GLU B 118 10.56 -16.03 2.49
N LEU B 119 10.82 -16.91 1.51
CA LEU B 119 9.76 -17.76 0.94
C LEU B 119 9.69 -19.05 1.70
N HIS B 120 8.50 -19.50 2.04
CA HIS B 120 8.20 -20.83 2.60
C HIS B 120 7.33 -21.60 1.57
N VAL B 121 7.81 -22.76 1.15
CA VAL B 121 7.00 -23.71 0.32
C VAL B 121 6.67 -24.90 1.22
N ALA B 122 5.39 -25.05 1.55
CA ALA B 122 4.88 -25.97 2.61
C ALA B 122 4.31 -27.26 2.06
N HIS B 123 4.61 -28.37 2.70
CA HIS B 123 4.20 -29.73 2.24
C HIS B 123 3.78 -30.58 3.41
N TRP B 124 2.98 -31.59 3.21
CA TRP B 124 2.57 -32.55 4.30
C TRP B 124 2.80 -34.00 3.87
N ASN B 125 2.98 -34.87 4.85
CA ASN B 125 3.41 -36.27 4.66
C ASN B 125 2.17 -37.08 4.29
N SER B 126 1.88 -37.22 2.97
CA SER B 126 0.71 -37.95 2.48
C SER B 126 0.98 -39.45 2.46
N ALA B 127 2.22 -39.88 2.64
CA ALA B 127 2.54 -41.33 2.75
C ALA B 127 2.00 -41.86 4.08
N LYS B 128 1.94 -41.03 5.13
CA LYS B 128 1.66 -41.50 6.52
C LYS B 128 0.29 -41.03 7.01
N TYR B 129 -0.15 -39.85 6.61
CA TYR B 129 -1.35 -39.19 7.19
C TYR B 129 -2.36 -38.97 6.06
N SER B 130 -3.61 -38.70 6.43
CA SER B 130 -4.74 -38.64 5.45
C SER B 130 -5.00 -37.20 5.02
N SER B 131 -4.58 -36.23 5.82
CA SER B 131 -4.93 -34.83 5.59
C SER B 131 -3.81 -33.97 6.16
N LEU B 132 -3.78 -32.72 5.73
CA LEU B 132 -2.96 -31.66 6.36
C LEU B 132 -3.30 -31.64 7.86
N ALA B 133 -4.60 -31.59 8.15
CA ALA B 133 -5.12 -31.39 9.51
C ALA B 133 -4.47 -32.46 10.37
N GLU B 134 -4.45 -33.71 9.93
CA GLU B 134 -3.87 -34.83 10.69
C GLU B 134 -2.36 -34.63 10.83
N ALA B 135 -1.68 -34.36 9.72
CA ALA B 135 -0.21 -34.34 9.60
C ALA B 135 0.38 -33.20 10.45
N ALA B 136 -0.37 -32.12 10.71
CA ALA B 136 0.21 -30.82 11.12
C ALA B 136 0.79 -30.94 12.53
N SER B 137 0.33 -31.92 13.30
CA SER B 137 0.72 -32.04 14.73
C SER B 137 1.73 -33.17 14.92
N LYS B 138 2.23 -33.79 13.88
CA LYS B 138 3.07 -35.02 13.93
C LYS B 138 4.53 -34.63 13.68
N ALA B 139 5.48 -35.11 14.49
CA ALA B 139 6.93 -34.80 14.33
C ALA B 139 7.37 -34.87 12.87
N ASP B 140 6.90 -35.87 12.10
CA ASP B 140 7.32 -36.16 10.69
C ASP B 140 6.23 -35.68 9.71
N GLY B 141 5.32 -34.79 10.16
CA GLY B 141 4.09 -34.39 9.44
C GLY B 141 4.33 -33.44 8.27
N LEU B 142 5.27 -32.52 8.45
CA LEU B 142 5.41 -31.29 7.64
C LEU B 142 6.85 -31.12 7.16
N ALA B 143 6.99 -30.43 6.04
CA ALA B 143 8.28 -30.09 5.42
C ALA B 143 8.07 -28.71 4.79
N VAL B 144 9.07 -27.87 4.93
CA VAL B 144 9.08 -26.50 4.41
C VAL B 144 10.44 -26.25 3.77
N ILE B 145 10.43 -25.91 2.47
CA ILE B 145 11.61 -25.36 1.78
C ILE B 145 11.66 -23.86 1.98
N GLY B 146 12.66 -23.38 2.77
CA GLY B 146 12.80 -21.93 2.80
C GLY B 146 13.91 -21.42 1.96
N VAL B 147 13.65 -20.24 1.41
CA VAL B 147 14.58 -19.48 0.54
C VAL B 147 14.67 -18.04 1.03
N LEU B 148 15.88 -17.67 1.44
CA LEU B 148 16.22 -16.29 1.77
C LEU B 148 16.09 -15.39 0.56
N MET B 149 15.50 -14.22 0.79
CA MET B 149 15.27 -13.22 -0.29
C MET B 149 16.12 -11.98 0.01
N LYS B 150 17.00 -11.64 -0.93
CA LYS B 150 18.00 -10.55 -0.81
C LYS B 150 17.54 -9.28 -1.57
N VAL B 151 17.36 -8.14 -0.88
CA VAL B 151 16.92 -6.88 -1.58
C VAL B 151 17.96 -6.52 -2.65
N GLY B 152 17.46 -6.17 -3.85
CA GLY B 152 18.26 -5.84 -5.04
C GLY B 152 17.35 -5.69 -6.24
N GLU B 153 17.69 -6.35 -7.35
CA GLU B 153 16.89 -6.31 -8.61
C GLU B 153 15.47 -6.82 -8.38
N ALA B 154 14.48 -6.28 -9.10
CA ALA B 154 13.11 -6.86 -9.16
C ALA B 154 13.25 -8.33 -9.57
N ASN B 155 12.42 -9.18 -8.99
CA ASN B 155 12.31 -10.62 -9.29
C ASN B 155 11.09 -10.79 -10.16
N PRO B 156 11.26 -10.97 -11.46
CA PRO B 156 10.09 -11.11 -12.35
C PRO B 156 9.22 -12.33 -12.03
N LYS B 157 9.81 -13.38 -11.44
CA LYS B 157 9.07 -14.62 -11.11
C LYS B 157 7.96 -14.33 -10.10
N LEU B 158 8.04 -13.21 -9.37
CA LEU B 158 7.01 -12.79 -8.36
C LEU B 158 5.80 -12.09 -8.96
N GLN B 159 5.73 -11.90 -10.28
CA GLN B 159 4.83 -10.91 -10.91
C GLN B 159 3.40 -11.43 -10.70
N LYS B 160 3.15 -12.71 -10.96
CA LYS B 160 1.77 -13.23 -10.89
C LYS B 160 1.27 -13.08 -9.45
N VAL B 161 2.12 -13.39 -8.45
CA VAL B 161 1.72 -13.29 -7.03
C VAL B 161 1.38 -11.83 -6.75
N LEU B 162 2.28 -10.93 -7.12
CA LEU B 162 2.11 -9.49 -6.75
C LEU B 162 0.86 -8.91 -7.45
N ASP B 163 0.62 -9.28 -8.71
CA ASP B 163 -0.54 -8.82 -9.51
C ASP B 163 -1.87 -9.26 -8.87
N ALA B 164 -1.86 -10.38 -8.13
CA ALA B 164 -3.05 -11.00 -7.49
C ALA B 164 -3.40 -10.25 -6.19
N LEU B 165 -2.45 -9.52 -5.61
CA LEU B 165 -2.72 -8.97 -4.24
C LEU B 165 -3.87 -7.93 -4.26
N GLN B 166 -4.12 -7.24 -5.39
CA GLN B 166 -5.19 -6.21 -5.45
C GLN B 166 -6.57 -6.87 -5.20
N ALA B 167 -6.72 -8.18 -5.37
CA ALA B 167 -8.05 -8.83 -5.22
C ALA B 167 -8.26 -9.30 -3.77
N ILE B 168 -7.22 -9.23 -2.94
CA ILE B 168 -7.26 -9.77 -1.55
C ILE B 168 -6.65 -8.76 -0.55
N LYS B 169 -7.09 -7.51 -0.64
CA LYS B 169 -6.46 -6.40 0.10
C LYS B 169 -6.68 -6.52 1.62
N THR B 170 -7.84 -6.99 2.06
CA THR B 170 -8.24 -7.04 3.49
C THR B 170 -8.40 -8.47 4.03
N LYS B 171 -8.27 -8.63 5.35
CA LYS B 171 -8.38 -9.94 6.05
C LYS B 171 -9.62 -10.71 5.56
N GLY B 172 -9.40 -11.95 5.15
CA GLY B 172 -10.50 -12.86 4.83
C GLY B 172 -10.82 -12.87 3.33
N LYS B 173 -10.40 -11.88 2.55
CA LYS B 173 -10.59 -11.92 1.09
C LYS B 173 -9.77 -13.06 0.47
N ARG B 174 -10.34 -13.65 -0.58
CA ARG B 174 -9.71 -14.74 -1.30
C ARG B 174 -10.15 -14.68 -2.76
N ALA B 175 -9.31 -15.23 -3.63
CA ALA B 175 -9.58 -15.27 -5.08
C ALA B 175 -8.98 -16.53 -5.67
N PRO B 176 -9.49 -16.98 -6.85
CA PRO B 176 -8.82 -18.05 -7.56
C PRO B 176 -7.42 -17.58 -7.93
N PHE B 177 -6.48 -18.53 -7.89
CA PHE B 177 -5.05 -18.38 -8.29
C PHE B 177 -4.63 -19.69 -8.94
N THR B 178 -4.53 -19.69 -10.27
CA THR B 178 -4.45 -20.96 -11.05
C THR B 178 -3.24 -20.99 -11.98
N ASN B 179 -2.84 -22.20 -12.35
CA ASN B 179 -1.82 -22.40 -13.40
C ASN B 179 -0.47 -21.76 -12.98
N PHE B 180 0.08 -22.20 -11.86
CA PHE B 180 1.32 -21.62 -11.32
C PHE B 180 2.16 -22.74 -10.66
N ASP B 181 3.41 -22.83 -11.05
CA ASP B 181 4.37 -23.83 -10.51
C ASP B 181 5.36 -23.11 -9.61
N PRO B 182 5.22 -23.22 -8.26
CA PRO B 182 6.08 -22.44 -7.38
C PRO B 182 7.55 -22.89 -7.31
N SER B 183 7.90 -24.00 -7.94
CA SER B 183 9.32 -24.40 -8.10
C SER B 183 10.04 -23.35 -8.94
N THR B 184 9.33 -22.55 -9.73
CA THR B 184 9.95 -21.44 -10.52
C THR B 184 10.49 -20.32 -9.57
N LEU B 185 10.08 -20.34 -8.30
CA LEU B 185 10.61 -19.31 -7.37
C LEU B 185 11.93 -19.73 -6.75
N LEU B 186 12.29 -20.99 -6.85
CA LEU B 186 13.47 -21.59 -6.20
C LEU B 186 14.75 -21.14 -6.87
N PRO B 187 15.89 -21.08 -6.15
CA PRO B 187 17.18 -20.76 -6.75
C PRO B 187 17.56 -21.91 -7.75
N SER B 188 18.54 -21.69 -8.63
CA SER B 188 19.03 -22.69 -9.62
C SER B 188 19.59 -23.90 -8.89
N SER B 189 20.44 -23.64 -7.91
CA SER B 189 21.04 -24.69 -7.06
C SER B 189 20.12 -24.97 -5.87
N LEU B 190 19.95 -26.25 -5.54
CA LEU B 190 19.16 -26.69 -4.36
C LEU B 190 20.09 -27.30 -3.31
N ASP B 191 21.35 -26.83 -3.18
CA ASP B 191 22.15 -27.22 -1.99
C ASP B 191 21.37 -26.72 -0.77
N PHE B 192 21.37 -27.46 0.34
CA PHE B 192 20.47 -27.12 1.47
C PHE B 192 21.12 -27.47 2.81
N TRP B 193 20.64 -26.78 3.84
CA TRP B 193 20.70 -27.20 5.25
C TRP B 193 19.36 -27.79 5.69
N THR B 194 19.41 -28.73 6.62
CA THR B 194 18.19 -29.28 7.24
C THR B 194 18.31 -29.34 8.77
N TYR B 195 17.19 -29.13 9.43
CA TYR B 195 17.10 -29.31 10.89
C TYR B 195 15.65 -29.58 11.30
N PRO B 196 15.41 -30.27 12.43
CA PRO B 196 14.06 -30.46 12.92
C PRO B 196 13.55 -29.23 13.64
N GLY B 197 12.36 -28.79 13.32
CA GLY B 197 11.79 -27.57 13.90
C GLY B 197 10.29 -27.57 13.89
N SER B 198 9.78 -26.37 13.77
CA SER B 198 8.40 -26.00 14.14
C SER B 198 7.79 -25.10 13.06
N LEU B 199 6.47 -24.93 13.14
CA LEU B 199 5.77 -23.79 12.55
C LEU B 199 6.39 -22.52 13.12
N THR B 200 6.58 -21.47 12.32
CA THR B 200 7.17 -20.20 12.84
C THR B 200 6.13 -19.25 13.46
N HIS B 201 4.88 -19.64 13.46
CA HIS B 201 3.80 -18.88 14.13
C HIS B 201 2.78 -19.84 14.71
N PRO B 202 1.90 -19.35 15.63
CA PRO B 202 0.89 -20.24 16.20
C PRO B 202 0.16 -20.99 15.09
N PRO B 203 -0.12 -22.29 15.31
CA PRO B 203 0.10 -22.94 16.62
C PRO B 203 1.45 -23.55 17.02
N LEU B 204 2.49 -23.26 16.25
CA LEU B 204 3.91 -23.46 16.67
C LEU B 204 4.22 -24.96 16.87
N TYR B 205 3.46 -25.86 16.24
CA TYR B 205 3.65 -27.33 16.32
C TYR B 205 5.10 -27.62 15.94
N GLU B 206 5.69 -28.61 16.57
CA GLU B 206 7.09 -29.04 16.31
C GLU B 206 7.06 -30.24 15.37
N SER B 207 6.60 -29.97 14.16
CA SER B 207 6.14 -30.97 13.16
C SER B 207 6.89 -30.79 11.84
N VAL B 208 7.82 -29.84 11.79
CA VAL B 208 8.44 -29.34 10.53
C VAL B 208 9.88 -29.83 10.36
N THR B 209 10.10 -30.52 9.23
CA THR B 209 11.47 -30.78 8.74
C THR B 209 11.85 -29.62 7.82
N TRP B 210 12.77 -28.75 8.26
CA TRP B 210 13.19 -27.52 7.55
C TRP B 210 14.25 -27.86 6.51
N ILE B 211 13.99 -27.45 5.26
CA ILE B 211 15.01 -27.43 4.20
C ILE B 211 15.34 -25.99 3.82
N ILE B 212 16.51 -25.46 4.28
CA ILE B 212 16.90 -24.07 3.97
C ILE B 212 17.90 -24.02 2.81
N CYS B 213 17.52 -23.39 1.68
CA CYS B 213 18.42 -23.34 0.52
C CYS B 213 19.66 -22.51 0.86
N LYS B 214 20.82 -22.99 0.48
CA LYS B 214 22.10 -22.25 0.51
C LYS B 214 22.01 -20.97 -0.31
N GLU B 215 21.41 -21.01 -1.49
CA GLU B 215 21.40 -19.82 -2.36
C GLU B 215 20.13 -19.00 -2.10
N SER B 216 20.28 -17.68 -2.21
CA SER B 216 19.20 -16.70 -2.03
C SER B 216 18.54 -16.42 -3.43
N ILE B 217 17.41 -15.73 -3.44
CA ILE B 217 16.82 -15.16 -4.68
C ILE B 217 16.65 -13.66 -4.45
N SER B 218 16.38 -12.90 -5.50
CA SER B 218 16.25 -11.41 -5.42
CA SER B 218 16.25 -11.41 -5.40
C SER B 218 14.81 -10.99 -5.10
N VAL B 219 14.68 -9.71 -4.74
CA VAL B 219 13.39 -9.00 -4.57
C VAL B 219 13.76 -7.53 -4.55
N SER B 220 12.96 -6.66 -5.17
CA SER B 220 13.20 -5.19 -5.13
C SER B 220 12.56 -4.60 -3.88
N SER B 221 13.01 -3.40 -3.55
CA SER B 221 12.40 -2.53 -2.50
C SER B 221 10.90 -2.36 -2.79
N GLU B 222 10.51 -2.17 -4.07
CA GLU B 222 9.09 -1.85 -4.39
C GLU B 222 8.27 -3.13 -4.27
N GLN B 223 8.82 -4.30 -4.58
CA GLN B 223 8.08 -5.58 -4.43
C GLN B 223 7.81 -5.79 -2.92
N LEU B 224 8.78 -5.53 -2.07
CA LEU B 224 8.51 -5.64 -0.62
C LEU B 224 7.42 -4.65 -0.16
N ALA B 225 7.41 -3.42 -0.70
CA ALA B 225 6.36 -2.42 -0.42
C ALA B 225 4.98 -2.99 -0.77
N GLN B 226 4.86 -3.72 -1.88
CA GLN B 226 3.55 -4.30 -2.25
C GLN B 226 3.09 -5.28 -1.17
N PHE B 227 3.95 -6.17 -0.66
CA PHE B 227 3.61 -7.05 0.48
C PHE B 227 3.10 -6.17 1.64
N ARG B 228 3.78 -5.07 1.92
CA ARG B 228 3.43 -4.27 3.13
C ARG B 228 2.18 -3.40 2.88
N SER B 229 1.73 -3.29 1.62
CA SER B 229 0.49 -2.56 1.24
C SER B 229 -0.75 -3.47 1.47
N LEU B 230 -0.55 -4.75 1.83
CA LEU B 230 -1.68 -5.62 2.24
C LEU B 230 -2.22 -5.12 3.59
N LEU B 231 -3.53 -5.29 3.79
CA LEU B 231 -4.18 -4.81 5.03
C LEU B 231 -4.55 -5.97 5.97
N SER B 232 -4.29 -5.79 7.29
CA SER B 232 -4.54 -6.80 8.33
C SER B 232 -6.00 -6.73 8.80
N ASN B 233 -6.69 -5.64 8.46
CA ASN B 233 -8.05 -5.31 8.93
C ASN B 233 -9.05 -5.95 7.96
N VAL B 234 -10.25 -6.17 8.47
CA VAL B 234 -11.40 -6.53 7.60
C VAL B 234 -11.87 -5.28 6.86
N GLU B 235 -12.52 -5.52 5.73
CA GLU B 235 -13.03 -4.49 4.80
C GLU B 235 -13.91 -3.53 5.59
N GLY B 236 -13.68 -2.24 5.46
CA GLY B 236 -14.56 -1.21 6.05
C GLY B 236 -14.00 -0.63 7.34
N ASP B 237 -13.10 -1.34 8.02
CA ASP B 237 -12.39 -0.80 9.22
C ASP B 237 -11.23 0.07 8.71
N ASN B 238 -10.61 0.88 9.60
CA ASN B 238 -9.48 1.75 9.17
C ASN B 238 -8.32 0.84 8.76
N ALA B 239 -7.66 1.22 7.68
CA ALA B 239 -6.63 0.40 7.04
C ALA B 239 -5.44 0.26 7.99
N VAL B 240 -4.97 -0.97 8.20
CA VAL B 240 -3.76 -1.28 9.02
C VAL B 240 -2.83 -2.10 8.13
N PRO B 241 -1.76 -1.48 7.62
CA PRO B 241 -0.81 -2.18 6.78
C PRO B 241 -0.12 -3.34 7.52
N MET B 242 0.05 -4.44 6.78
CA MET B 242 0.78 -5.67 7.19
C MET B 242 2.28 -5.39 7.16
N GLN B 243 2.82 -4.67 8.12
CA GLN B 243 4.22 -4.18 7.99
C GLN B 243 5.26 -5.27 8.18
N HIS B 244 4.98 -6.31 8.95
CA HIS B 244 5.96 -7.37 9.27
C HIS B 244 5.28 -8.64 9.77
N ASN B 245 5.98 -9.75 9.63
CA ASN B 245 5.45 -11.07 10.10
C ASN B 245 6.59 -12.08 10.23
N ASN B 246 7.77 -11.62 10.69
CA ASN B 246 8.97 -12.47 10.84
C ASN B 246 9.19 -12.69 12.36
N ARG B 247 9.27 -13.96 12.76
CA ARG B 247 9.59 -14.36 14.16
C ARG B 247 11.09 -14.25 14.38
N PRO B 248 11.56 -13.74 15.55
CA PRO B 248 12.98 -13.82 15.84
C PRO B 248 13.48 -15.27 15.86
N THR B 249 14.77 -15.47 15.65
CA THR B 249 15.42 -16.78 15.79
C THR B 249 15.32 -17.29 17.23
N GLN B 250 15.18 -18.61 17.37
CA GLN B 250 14.95 -19.31 18.65
C GLN B 250 16.15 -20.21 18.88
N PRO B 251 16.37 -20.61 20.17
CA PRO B 251 17.58 -21.34 20.51
C PRO B 251 17.54 -22.77 19.95
N LEU B 252 18.72 -23.23 19.51
CA LEU B 252 18.93 -24.57 18.91
C LEU B 252 18.67 -25.65 19.97
N LYS B 253 19.00 -25.37 21.26
CA LYS B 253 18.66 -26.36 22.30
C LYS B 253 19.22 -27.74 21.94
N GLY B 254 20.45 -27.76 21.39
CA GLY B 254 21.24 -28.99 21.16
C GLY B 254 20.96 -29.62 19.80
N ARG B 255 20.00 -29.13 19.03
CA ARG B 255 19.77 -29.66 17.65
C ARG B 255 21.00 -29.47 16.77
N THR B 256 21.12 -30.30 15.74
CA THR B 256 22.22 -30.28 14.75
C THR B 256 21.65 -29.71 13.44
N VAL B 257 22.27 -28.69 12.82
CA VAL B 257 21.91 -28.32 11.42
C VAL B 257 22.81 -29.11 10.49
N ARG B 258 22.23 -29.92 9.59
CA ARG B 258 23.03 -30.76 8.68
C ARG B 258 23.16 -30.02 7.35
N ALA B 259 24.25 -30.23 6.66
CA ALA B 259 24.48 -29.63 5.32
C ALA B 259 24.45 -30.75 4.27
N SER B 260 23.83 -30.47 3.11
CA SER B 260 23.85 -31.37 1.92
C SER B 260 25.18 -31.30 1.17
N PHE B 261 26.01 -30.31 1.45
CA PHE B 261 27.10 -29.84 0.56
C PHE B 261 28.33 -29.55 1.42
ZN ZN C . -4.94 20.72 -3.50
O A1H1P D . -3.76 25.65 -8.95
C1 A1H1P D . -4.04 24.65 -6.74
O4 A1H1P D . -4.28 24.85 -3.53
S A1H1P D . -4.43 23.60 -4.30
O3 A1H1P D . -5.76 23.26 -4.77
N A1H1P D . -3.93 22.33 -3.49
C A1H1P D . -3.45 23.87 -5.75
C16 A1H1P D . -2.15 23.39 -5.89
C6 A1H1P D . -1.40 23.69 -7.03
C4 A1H1P D . -2.00 24.44 -8.02
O1 A1H1P D . -1.26 24.75 -9.11
C5 A1H1P D . -0.87 26.12 -9.21
C2 A1H1P D . -3.32 24.92 -7.88
C3 A1H1P D . -5.10 26.14 -8.93
C7 A1H1P D . 0.03 23.28 -7.15
O2 A1H1P D . 0.95 24.02 -6.78
N1 A1H1P D . 0.28 22.15 -7.81
C8 A1H1P D . 1.51 21.94 -8.55
C9 A1H1P D . 1.71 23.02 -9.65
N2 A1H1P D . 3.11 23.47 -9.57
C13 A1H1P D . 3.30 24.92 -9.86
C14 A1H1P D . 3.48 25.80 -8.67
C15 A1H1P D . 3.09 27.08 -8.65
C12 A1H1P D . 3.83 22.59 -10.49
C11 A1H1P D . 2.89 22.44 -11.68
C10 A1H1P D . 1.51 22.47 -11.08
ZN ZN E . 6.20 -19.27 6.94
O A1H1P F . 3.04 -26.03 7.04
C1 A1H1P F . 4.27 -24.03 7.64
O4 A1H1P F . 6.25 -22.41 9.63
S A1H1P F . 5.74 -21.91 8.36
O3 A1H1P F . 6.52 -22.20 7.15
N A1H1P F . 5.53 -20.36 8.35
C A1H1P F . 4.19 -22.74 8.14
C16 A1H1P F . 2.97 -22.17 8.41
C6 A1H1P F . 1.78 -22.89 8.25
C4 A1H1P F . 1.88 -24.19 7.79
O1 A1H1P F . 0.74 -24.94 7.63
C5 A1H1P F . 0.46 -25.97 8.59
C2 A1H1P F . 3.11 -24.75 7.47
C3 A1H1P F . 4.26 -26.66 6.71
C7 A1H1P F . 0.48 -22.31 8.67
O2 A1H1P F . 0.14 -22.32 9.86
N1 A1H1P F . -0.33 -21.89 7.70
C8 A1H1P F . -1.76 -21.75 7.88
C9 A1H1P F . -2.45 -23.10 7.98
N2 A1H1P F . -3.80 -22.95 8.57
C13 A1H1P F . -3.91 -23.40 9.97
C14 A1H1P F . -3.10 -24.64 10.31
C15 A1H1P F . -2.24 -24.77 11.21
C12 A1H1P F . -4.74 -23.71 7.71
C11 A1H1P F . -4.14 -23.63 6.32
C10 A1H1P F . -2.66 -23.73 6.59
#